data_4RCM
#
_entry.id   4RCM
#
_cell.length_a   41.430
_cell.length_b   57.171
_cell.length_c   66.725
_cell.angle_alpha   90.00
_cell.angle_beta   103.08
_cell.angle_gamma   90.00
#
_symmetry.space_group_name_H-M   'P 1 21 1'
#
loop_
_entity.id
_entity.type
_entity.pdbx_description
1 polymer 'Methylated RNA-binding protein 1'
2 polymer "RNA (5'-R(*UP*G)-D(*(6MZ)P*CP*U)-3')"
3 non-polymer 'UNKNOWN ATOM OR ION'
4 water water
#
loop_
_entity_poly.entity_id
_entity_poly.type
_entity_poly.pdbx_seq_one_letter_code
_entity_poly.pdbx_strand_id
1 'polypeptide(L)'
;GSAAIIPPWLNIPENSRFFVIKSSSLKHVKRSFYNGIWSSTHFGNKRLSEAYKKLNSGAKVFLFFSINTSGRFCGVAEMV
SDLKMDLDTSIWEDEQKYGKAFKVRWVIVRDINNRSLKRFLIPSNEMKPITHSRDTQEIPYSIGISIINLFKTQDSDIFS
FLDETYE
;
A,B
2 'polyribonucleotide' UG(6MZ)CU D,E
#
loop_
_chem_comp.id
_chem_comp.type
_chem_comp.name
_chem_comp.formula
6MZ RNA linking N6-METHYLADENOSINE-5'-MONOPHOSPHATE 'C11 H16 N5 O7 P'
C RNA linking CYTIDINE-5'-MONOPHOSPHATE 'C9 H14 N3 O8 P'
G RNA linking GUANOSINE-5'-MONOPHOSPHATE 'C10 H14 N5 O8 P'
U RNA linking URIDINE-5'-MONOPHOSPHATE 'C9 H13 N2 O9 P'
UNX non-polymer 'UNKNOWN ATOM OR ION' ?
#
# COMPACT_ATOMS: atom_id res chain seq x y z
N GLY A 1 21.18 -6.74 8.53
CA GLY A 1 21.59 -5.50 9.26
C GLY A 1 20.41 -4.58 9.55
N SER A 2 20.21 -3.59 8.68
CA SER A 2 19.22 -2.53 8.92
C SER A 2 17.77 -3.02 8.73
N ALA A 3 16.88 -2.50 9.57
CA ALA A 3 15.48 -2.82 9.49
C ALA A 3 14.72 -1.74 8.71
N ALA A 4 15.42 -0.75 8.19
CA ALA A 4 14.79 0.37 7.51
C ALA A 4 14.07 -0.10 6.24
N ILE A 5 12.99 0.60 5.85
CA ILE A 5 12.26 0.22 4.63
C ILE A 5 12.37 1.35 3.62
N ILE A 6 12.97 1.07 2.48
CA ILE A 6 13.00 1.97 1.35
C ILE A 6 12.62 1.16 0.12
N PRO A 7 11.56 1.57 -0.56
CA PRO A 7 11.12 0.75 -1.68
C PRO A 7 11.97 0.99 -2.92
N PRO A 8 12.07 -0.02 -3.79
CA PRO A 8 12.88 0.10 -4.99
C PRO A 8 12.23 1.04 -6.01
N TRP A 9 10.90 1.18 -5.99
CA TRP A 9 10.19 2.07 -6.90
C TRP A 9 9.13 2.84 -6.11
N LEU A 10 9.03 4.15 -6.32
CA LEU A 10 7.96 4.96 -5.77
C LEU A 10 7.77 6.14 -6.71
N ASN A 11 6.59 6.26 -7.31
CA ASN A 11 6.28 7.31 -8.24
C ASN A 11 5.16 8.12 -7.69
N ILE A 12 5.34 9.45 -7.68
CA ILE A 12 4.34 10.36 -7.16
C ILE A 12 4.02 11.40 -8.24
N PRO A 13 2.84 11.23 -8.89
CA PRO A 13 2.40 12.06 -9.99
C PRO A 13 1.85 13.43 -9.67
N GLU A 14 1.74 14.19 -10.75
CA GLU A 14 1.36 15.57 -10.74
C GLU A 14 0.04 15.61 -10.00
N ASN A 15 -0.15 16.67 -9.24
CA ASN A 15 -1.36 16.94 -8.47
C ASN A 15 -1.46 16.14 -7.18
N SER A 16 -0.46 15.29 -6.89
CA SER A 16 -0.34 14.67 -5.56
C SER A 16 -0.07 15.73 -4.49
N ARG A 17 -0.35 15.38 -3.22
CA ARG A 17 -0.37 16.34 -2.11
C ARG A 17 0.40 15.79 -0.92
N PHE A 18 1.11 16.68 -0.22
CA PHE A 18 2.00 16.32 0.90
C PHE A 18 1.60 17.09 2.15
N PHE A 19 1.47 16.38 3.27
CA PHE A 19 1.20 17.01 4.57
C PHE A 19 2.11 16.46 5.61
N VAL A 20 2.42 17.29 6.60
CA VAL A 20 3.15 16.82 7.78
C VAL A 20 2.15 16.23 8.77
N ILE A 21 2.58 15.18 9.49
CA ILE A 21 1.79 14.60 10.63
C ILE A 21 2.68 14.77 11.85
N LYS A 22 2.14 15.40 12.92
CA LYS A 22 2.92 15.51 14.18
C LYS A 22 2.22 14.63 15.18
N SER A 23 2.93 13.64 15.64
CA SER A 23 2.42 12.71 16.64
C SER A 23 2.97 13.07 18.01
N SER A 24 2.11 12.95 19.02
CA SER A 24 2.51 13.07 20.44
C SER A 24 3.48 11.98 20.97
N SER A 25 3.62 10.83 20.26
CA SER A 25 4.38 9.70 20.75
C SER A 25 5.01 8.80 19.68
N LEU A 26 6.21 8.31 19.96
CA LEU A 26 6.77 7.21 19.21
C LEU A 26 5.80 5.98 19.22
N LYS A 27 5.21 5.68 20.39
CA LYS A 27 4.14 4.69 20.53
C LYS A 27 3.11 4.72 19.40
N HIS A 28 2.40 5.85 19.22
CA HIS A 28 1.37 5.96 18.20
C HIS A 28 1.91 5.80 16.77
N VAL A 29 3.13 6.24 16.47
CA VAL A 29 3.70 5.98 15.15
C VAL A 29 3.85 4.45 14.87
N LYS A 30 4.43 3.76 15.84
CA LYS A 30 4.61 2.31 15.72
C LYS A 30 3.31 1.58 15.51
N ARG A 31 2.30 1.95 16.30
CA ARG A 31 0.99 1.39 16.18
C ARG A 31 0.35 1.65 14.87
N SER A 32 0.57 2.84 14.29
CA SER A 32 0.17 3.15 12.94
C SER A 32 0.85 2.22 11.95
N PHE A 33 2.11 1.96 12.15
CA PHE A 33 2.82 1.13 11.22
C PHE A 33 2.27 -0.29 11.21
N TYR A 34 1.97 -0.85 12.38
CA TYR A 34 1.58 -2.27 12.49
C TYR A 34 0.08 -2.47 12.20
N ASN A 35 -0.74 -1.45 12.43
CA ASN A 35 -2.17 -1.54 12.12
C ASN A 35 -2.65 -0.94 10.79
N GLY A 36 -1.83 -0.09 10.21
CA GLY A 36 -2.09 0.53 8.95
C GLY A 36 -3.22 1.54 8.99
N ILE A 37 -3.40 2.24 10.12
CA ILE A 37 -4.29 3.37 10.18
C ILE A 37 -3.66 4.58 10.85
N TRP A 38 -4.34 5.72 10.69
CA TRP A 38 -4.03 6.94 11.38
C TRP A 38 -5.31 7.71 11.63
N SER A 39 -5.30 8.49 12.71
CA SER A 39 -6.37 9.45 13.04
C SER A 39 -5.70 10.75 13.42
N SER A 40 -6.15 11.84 12.83
CA SER A 40 -5.74 13.21 13.27
C SER A 40 -6.85 13.69 14.18
N THR A 41 -6.92 15.01 14.43
CA THR A 41 -8.02 15.62 15.18
C THR A 41 -9.19 15.65 14.25
N HIS A 42 -10.39 15.97 14.74
CA HIS A 42 -11.53 16.16 13.83
CA HIS A 42 -11.54 16.14 13.82
C HIS A 42 -11.15 17.12 12.69
N PHE A 43 -10.49 18.21 13.06
CA PHE A 43 -10.14 19.25 12.09
C PHE A 43 -9.02 18.85 11.15
N GLY A 44 -7.98 18.23 11.69
CA GLY A 44 -6.93 17.67 10.81
C GLY A 44 -7.50 16.63 9.81
N ASN A 45 -8.38 15.75 10.30
CA ASN A 45 -9.01 14.73 9.47
C ASN A 45 -9.84 15.34 8.34
N LYS A 46 -10.58 16.40 8.68
CA LYS A 46 -11.32 17.17 7.66
C LYS A 46 -10.42 17.76 6.56
N ARG A 47 -9.32 18.39 6.95
CA ARG A 47 -8.36 18.84 5.95
C ARG A 47 -7.85 17.67 5.06
N LEU A 48 -7.39 16.56 5.66
CA LEU A 48 -6.89 15.43 4.92
C LEU A 48 -7.96 14.75 4.05
N SER A 49 -9.14 14.60 4.61
CA SER A 49 -10.25 14.01 3.89
C SER A 49 -10.66 14.84 2.67
N GLU A 50 -10.67 16.15 2.80
CA GLU A 50 -11.04 17.00 1.66
C GLU A 50 -10.00 16.89 0.57
N ALA A 51 -8.72 16.87 0.94
CA ALA A 51 -7.68 16.62 -0.03
C ALA A 51 -7.80 15.26 -0.74
N TYR A 52 -8.03 14.20 0.01
CA TYR A 52 -8.16 12.85 -0.54
C TYR A 52 -9.34 12.72 -1.55
N LYS A 53 -10.47 13.23 -1.12
CA LYS A 53 -11.69 13.26 -1.92
C LYS A 53 -11.51 13.83 -3.31
N LYS A 54 -10.73 14.90 -3.42
CA LYS A 54 -10.62 15.67 -4.64
C LYS A 54 -9.52 15.10 -5.56
N LEU A 55 -8.78 14.10 -5.09
CA LEU A 55 -7.81 13.38 -5.94
C LEU A 55 -8.48 12.83 -7.19
N ASN A 56 -7.80 13.00 -8.32
CA ASN A 56 -8.28 12.51 -9.61
CA ASN A 56 -8.26 12.56 -9.63
C ASN A 56 -7.16 11.73 -10.26
N SER A 57 -7.54 10.75 -11.08
CA SER A 57 -6.62 9.94 -11.87
C SER A 57 -5.75 9.12 -10.91
N GLY A 58 -4.43 9.20 -11.02
CA GLY A 58 -3.58 8.48 -10.10
C GLY A 58 -2.85 9.42 -9.13
N ALA A 59 -3.46 10.54 -8.78
CA ALA A 59 -2.84 11.46 -7.81
C ALA A 59 -2.93 10.83 -6.42
N LYS A 60 -1.92 11.11 -5.59
CA LYS A 60 -1.80 10.52 -4.24
C LYS A 60 -1.70 11.58 -3.09
N VAL A 61 -1.98 11.16 -1.84
CA VAL A 61 -1.67 11.92 -0.60
C VAL A 61 -0.57 11.19 0.19
N PHE A 62 0.52 11.89 0.44
CA PHE A 62 1.58 11.42 1.33
C PHE A 62 1.68 12.24 2.61
N LEU A 63 2.12 11.55 3.67
CA LEU A 63 2.22 12.09 5.04
C LEU A 63 3.59 11.94 5.55
N PHE A 64 4.26 13.04 5.83
CA PHE A 64 5.57 12.97 6.50
C PHE A 64 5.31 12.88 8.02
N PHE A 65 5.53 11.71 8.59
CA PHE A 65 5.42 11.55 10.05
C PHE A 65 6.57 12.11 10.89
N SER A 66 6.18 12.94 11.84
CA SER A 66 7.14 13.54 12.72
C SER A 66 6.64 13.44 14.17
N ILE A 67 7.56 13.35 15.13
CA ILE A 67 7.20 13.35 16.59
C ILE A 67 7.53 14.72 17.21
N ASN A 68 6.53 15.33 17.81
CA ASN A 68 6.70 16.61 18.50
CA ASN A 68 6.67 16.60 18.53
C ASN A 68 7.80 16.55 19.55
N THR A 69 8.47 17.71 19.74
CA THR A 69 9.52 17.94 20.72
C THR A 69 10.82 17.26 20.41
N SER A 70 10.84 15.95 20.16
CA SER A 70 12.05 15.30 19.64
C SER A 70 12.37 15.87 18.24
N GLY A 71 11.32 16.16 17.47
CA GLY A 71 11.44 16.55 16.07
C GLY A 71 11.98 15.42 15.23
N ARG A 72 11.73 14.18 15.65
CA ARG A 72 12.13 13.05 14.87
C ARG A 72 11.24 12.95 13.63
N PHE A 73 11.82 12.95 12.43
CA PHE A 73 11.04 12.70 11.21
C PHE A 73 11.31 11.26 10.95
N CYS A 74 10.30 10.40 11.07
CA CYS A 74 10.58 8.96 11.07
C CYS A 74 10.01 8.04 9.90
N GLY A 75 9.32 8.64 8.93
CA GLY A 75 9.04 7.93 7.70
C GLY A 75 7.86 8.54 6.97
N VAL A 76 7.45 7.88 5.91
CA VAL A 76 6.41 8.44 4.99
C VAL A 76 5.32 7.43 4.81
N ALA A 77 4.07 7.85 4.90
CA ALA A 77 2.98 6.95 4.64
C ALA A 77 2.07 7.59 3.60
N GLU A 78 1.41 6.73 2.86
CA GLU A 78 0.44 7.18 1.88
C GLU A 78 -0.88 6.98 2.51
N MET A 79 -1.79 7.97 2.35
CA MET A 79 -3.20 7.86 2.71
C MET A 79 -3.94 7.09 1.61
N VAL A 80 -4.59 5.98 1.96
CA VAL A 80 -5.11 5.06 0.96
C VAL A 80 -6.59 4.80 1.16
N SER A 81 -7.21 5.58 2.02
CA SER A 81 -8.68 5.59 2.12
C SER A 81 -9.12 6.93 2.72
N ASP A 82 -10.42 7.19 2.61
CA ASP A 82 -11.03 8.28 3.33
C ASP A 82 -11.40 7.81 4.76
N LEU A 83 -12.08 8.70 5.51
CA LEU A 83 -12.36 8.53 6.92
C LEU A 83 -13.35 7.40 7.01
N LYS A 84 -13.16 6.49 7.97
CA LYS A 84 -14.03 5.32 8.13
C LYS A 84 -14.73 5.32 9.47
N MET A 85 -15.97 4.84 9.49
CA MET A 85 -16.69 4.77 10.74
C MET A 85 -16.22 3.58 11.58
N ASP A 86 -15.73 2.51 10.92
CA ASP A 86 -15.60 1.19 11.58
C ASP A 86 -14.19 0.59 11.75
N LEU A 87 -13.16 1.44 11.73
CA LEU A 87 -11.77 0.99 12.05
C LEU A 87 -11.52 1.03 13.56
N ASP A 88 -10.55 0.26 14.06
CA ASP A 88 -10.27 0.12 15.52
C ASP A 88 -9.44 1.30 16.09
N THR A 89 -10.14 2.41 16.37
CA THR A 89 -9.50 3.57 17.01
C THR A 89 -9.12 3.35 18.50
N SER A 90 -9.30 2.13 19.02
CA SER A 90 -9.00 1.82 20.43
C SER A 90 -7.49 1.73 20.64
N ILE A 91 -6.69 1.55 19.57
CA ILE A 91 -5.22 1.51 19.68
C ILE A 91 -4.62 2.86 20.11
N TRP A 92 -5.42 3.91 20.05
CA TRP A 92 -4.95 5.23 20.49
C TRP A 92 -5.24 5.42 22.00
N GLU A 93 -4.20 5.72 22.74
CA GLU A 93 -4.31 6.31 24.09
C GLU A 93 -5.08 7.64 23.96
N ASP A 94 -6.01 7.86 24.89
CA ASP A 94 -6.86 9.08 24.91
C ASP A 94 -7.61 9.24 23.59
N GLU A 95 -8.24 8.17 23.15
CA GLU A 95 -8.90 8.08 21.82
C GLU A 95 -9.84 9.23 21.45
N GLN A 96 -10.62 9.74 22.41
CA GLN A 96 -11.63 10.81 22.15
C GLN A 96 -11.03 12.19 21.73
N LYS A 97 -9.72 12.35 21.93
CA LYS A 97 -8.97 13.50 21.42
C LYS A 97 -8.89 13.57 19.87
N TYR A 98 -9.02 12.40 19.23
CA TYR A 98 -8.81 12.21 17.77
C TYR A 98 -10.15 11.81 17.17
N GLY A 99 -10.27 11.91 15.84
CA GLY A 99 -11.50 11.48 15.14
C GLY A 99 -11.42 10.07 14.55
N LYS A 100 -12.38 9.78 13.66
CA LYS A 100 -12.42 8.57 12.84
C LYS A 100 -11.03 8.21 12.23
N ALA A 101 -10.72 6.93 12.06
CA ALA A 101 -9.43 6.65 11.41
C ALA A 101 -9.54 6.59 9.87
N PHE A 102 -8.41 6.69 9.19
CA PHE A 102 -8.36 6.38 7.79
C PHE A 102 -7.17 5.43 7.55
N LYS A 103 -7.15 4.71 6.42
CA LYS A 103 -6.06 3.73 6.18
C LYS A 103 -4.82 4.40 5.63
N VAL A 104 -3.66 3.87 6.05
CA VAL A 104 -2.38 4.34 5.57
C VAL A 104 -1.50 3.14 5.24
N ARG A 105 -0.59 3.33 4.31
CA ARG A 105 0.47 2.35 4.06
C ARG A 105 1.86 3.00 4.16
N TRP A 106 2.66 2.50 5.05
CA TRP A 106 3.96 3.10 5.34
C TRP A 106 4.84 2.70 4.18
N VAL A 107 5.16 3.65 3.31
CA VAL A 107 6.02 3.37 2.13
C VAL A 107 7.50 3.43 2.49
N ILE A 108 7.86 4.35 3.40
CA ILE A 108 9.27 4.51 3.85
C ILE A 108 9.40 4.58 5.37
N VAL A 109 10.37 3.85 5.94
CA VAL A 109 10.55 3.83 7.38
C VAL A 109 12.03 3.95 7.63
N ARG A 110 12.46 5.14 8.05
CA ARG A 110 13.82 5.47 8.36
C ARG A 110 13.83 6.90 8.87
N ASP A 111 14.79 7.22 9.70
CA ASP A 111 14.90 8.60 10.22
C ASP A 111 15.69 9.51 9.26
N ILE A 112 15.28 10.75 9.17
CA ILE A 112 16.12 11.76 8.57
C ILE A 112 16.51 12.73 9.70
N ASN A 113 17.80 13.06 9.84
CA ASN A 113 18.21 14.03 10.88
C ASN A 113 17.59 15.43 10.65
N ASN A 114 17.08 16.06 11.71
CA ASN A 114 16.57 17.46 11.61
C ASN A 114 17.55 18.40 10.97
N ARG A 115 18.82 18.18 11.25
CA ARG A 115 19.89 19.01 10.73
C ARG A 115 19.74 19.18 9.22
N SER A 116 19.56 18.07 8.51
CA SER A 116 19.42 18.10 7.04
C SER A 116 17.97 18.38 6.51
N LEU A 117 16.97 18.53 7.39
CA LEU A 117 15.62 19.02 6.97
C LEU A 117 15.36 20.53 7.17
N LYS A 118 16.27 21.21 7.86
CA LYS A 118 16.10 22.65 8.12
C LYS A 118 16.12 23.52 6.87
N ARG A 119 16.89 23.07 5.87
CA ARG A 119 16.94 23.68 4.54
C ARG A 119 15.60 23.97 3.88
N PHE A 120 14.55 23.17 4.16
CA PHE A 120 13.26 23.29 3.46
C PHE A 120 12.29 24.26 4.09
N LEU A 121 12.03 25.36 3.38
CA LEU A 121 11.28 26.47 3.92
C LEU A 121 9.92 26.45 3.27
N ILE A 122 8.88 26.70 4.05
CA ILE A 122 7.52 26.46 3.62
C ILE A 122 6.75 27.77 3.42
N PRO A 123 6.54 28.17 2.16
CA PRO A 123 5.98 29.48 1.91
C PRO A 123 4.70 29.83 2.71
N SER A 124 3.87 28.84 3.03
CA SER A 124 2.57 29.09 3.63
C SER A 124 2.55 28.89 5.14
N ASN A 125 3.73 28.62 5.71
CA ASN A 125 3.95 28.74 7.15
C ASN A 125 5.03 29.79 7.31
N GLU A 126 4.66 31.01 6.93
CA GLU A 126 5.52 32.19 7.05
C GLU A 126 6.98 31.85 6.73
N MET A 127 7.19 31.03 5.69
CA MET A 127 8.55 30.65 5.24
C MET A 127 9.45 29.99 6.32
N LYS A 128 8.84 29.40 7.32
CA LYS A 128 9.62 28.66 8.34
C LYS A 128 10.15 27.31 7.80
N PRO A 129 11.21 26.78 8.40
CA PRO A 129 11.60 25.44 8.02
C PRO A 129 10.49 24.41 8.28
N ILE A 130 10.58 23.29 7.55
CA ILE A 130 9.60 22.22 7.70
C ILE A 130 9.52 21.63 9.13
N THR A 131 10.61 21.66 9.83
CA THR A 131 10.65 21.23 11.23
C THR A 131 9.75 22.05 12.21
N HIS A 132 9.29 23.23 11.77
CA HIS A 132 8.33 24.05 12.52
C HIS A 132 6.85 23.83 12.17
N SER A 133 6.58 22.88 11.27
CA SER A 133 5.22 22.64 10.83
C SER A 133 4.40 22.08 11.96
N ARG A 134 3.17 22.52 12.02
CA ARG A 134 2.21 21.89 12.89
C ARG A 134 1.47 20.77 12.13
N ASP A 135 0.49 20.18 12.81
CA ASP A 135 -0.16 18.97 12.35
C ASP A 135 -1.05 19.26 11.17
N THR A 136 -0.86 18.46 10.13
CA THR A 136 -1.49 18.60 8.80
C THR A 136 -1.15 19.82 7.96
N GLN A 137 0.00 20.45 8.27
CA GLN A 137 0.52 21.51 7.46
C GLN A 137 0.77 20.99 6.05
N GLU A 138 0.19 21.64 5.05
CA GLU A 138 0.46 21.22 3.64
C GLU A 138 1.80 21.66 3.12
N ILE A 139 2.43 20.76 2.36
CA ILE A 139 3.76 20.97 1.82
C ILE A 139 3.68 20.98 0.27
N PRO A 140 4.08 22.09 -0.37
CA PRO A 140 3.99 22.17 -1.85
C PRO A 140 4.62 20.96 -2.57
N TYR A 141 4.03 20.54 -3.68
CA TYR A 141 4.49 19.36 -4.40
C TYR A 141 6.00 19.28 -4.58
N SER A 142 6.56 20.32 -5.18
CA SER A 142 8.00 20.29 -5.49
CA SER A 142 8.01 20.41 -5.46
C SER A 142 8.91 20.09 -4.27
N ILE A 143 8.61 20.74 -3.14
CA ILE A 143 9.37 20.57 -1.90
C ILE A 143 9.15 19.12 -1.41
N GLY A 144 7.89 18.66 -1.41
CA GLY A 144 7.64 17.30 -0.98
C GLY A 144 8.42 16.26 -1.74
N ILE A 145 8.52 16.44 -3.06
CA ILE A 145 9.23 15.51 -3.89
C ILE A 145 10.69 15.51 -3.49
N SER A 146 11.25 16.69 -3.32
CA SER A 146 12.68 16.74 -2.93
CA SER A 146 12.66 16.79 -2.91
C SER A 146 12.91 16.08 -1.56
N ILE A 147 11.97 16.20 -0.62
CA ILE A 147 12.09 15.52 0.66
C ILE A 147 11.96 13.97 0.50
N ILE A 148 11.03 13.50 -0.32
CA ILE A 148 10.94 12.05 -0.61
C ILE A 148 12.29 11.56 -1.09
N ASN A 149 12.97 12.34 -1.95
CA ASN A 149 14.22 11.89 -2.55
C ASN A 149 15.34 11.76 -1.54
N LEU A 150 15.31 12.62 -0.53
CA LEU A 150 16.25 12.49 0.59
C LEU A 150 15.91 11.23 1.39
N PHE A 151 14.62 10.97 1.60
CA PHE A 151 14.20 9.79 2.35
C PHE A 151 14.62 8.48 1.62
N LYS A 152 14.62 8.51 0.28
CA LYS A 152 14.98 7.35 -0.57
C LYS A 152 16.48 7.09 -0.62
N THR A 153 17.29 7.96 -0.04
CA THR A 153 18.73 7.77 -0.17
C THR A 153 19.20 6.61 0.71
N GLN A 154 19.94 5.68 0.13
CA GLN A 154 20.43 4.51 0.83
C GLN A 154 21.71 4.89 1.59
N ASP A 155 21.58 5.75 2.61
CA ASP A 155 22.74 6.30 3.35
C ASP A 155 23.36 5.21 4.21
N SER A 156 24.68 5.27 4.38
CA SER A 156 25.37 4.22 5.10
C SER A 156 25.06 4.22 6.61
N ASP A 157 24.67 5.38 7.14
CA ASP A 157 24.27 5.53 8.57
C ASP A 157 22.75 5.30 8.82
N ILE A 158 22.03 4.73 7.85
CA ILE A 158 20.56 4.73 7.94
C ILE A 158 20.07 4.06 9.23
N PHE A 159 19.07 4.67 9.87
CA PHE A 159 18.49 4.20 11.13
C PHE A 159 16.98 4.30 11.03
N SER A 160 16.30 3.36 11.67
CA SER A 160 14.83 3.42 11.75
C SER A 160 14.24 3.06 13.13
N PHE A 161 12.96 3.38 13.31
CA PHE A 161 12.26 2.97 14.51
C PHE A 161 11.91 1.46 14.52
N LEU A 162 12.28 0.74 13.47
CA LEU A 162 12.18 -0.74 13.47
C LEU A 162 13.49 -1.42 13.91
N ASP A 163 14.55 -0.63 14.08
CA ASP A 163 15.87 -1.13 14.56
C ASP A 163 15.90 -1.13 16.10
N GLU A 164 14.78 -1.42 16.78
CA GLU A 164 14.69 -1.24 18.25
N ALA B 3 15.45 -7.33 -6.50
N ALA B 3 16.54 -9.21 -4.82
CA ALA B 3 15.47 -8.31 -5.36
CA ALA B 3 15.48 -8.25 -5.31
C ALA B 3 14.05 -8.57 -4.83
N ALA B 4 13.82 -9.74 -4.24
CA ALA B 4 12.46 -10.13 -3.86
C ALA B 4 11.93 -9.15 -2.83
N ILE B 5 10.62 -8.90 -2.84
CA ILE B 5 9.97 -8.11 -1.78
C ILE B 5 9.10 -9.00 -0.89
N ILE B 6 9.47 -9.05 0.40
CA ILE B 6 8.81 -9.82 1.41
C ILE B 6 8.75 -8.93 2.62
N PRO B 7 7.55 -8.55 3.06
CA PRO B 7 7.45 -7.56 4.14
C PRO B 7 7.63 -8.18 5.51
N PRO B 8 8.20 -7.43 6.47
CA PRO B 8 8.37 -7.97 7.82
C PRO B 8 7.02 -8.20 8.50
N TRP B 9 6.06 -7.33 8.21
CA TRP B 9 4.78 -7.38 8.84
C TRP B 9 3.69 -7.31 7.78
N LEU B 10 2.74 -8.24 7.85
CA LEU B 10 1.59 -8.24 6.95
C LEU B 10 0.54 -9.02 7.70
N ASN B 11 -0.54 -8.34 8.04
CA ASN B 11 -1.64 -8.91 8.78
C ASN B 11 -2.87 -8.84 7.90
N ILE B 12 -3.58 -9.97 7.80
CA ILE B 12 -4.80 -10.04 7.01
C ILE B 12 -5.93 -10.51 7.88
N PRO B 13 -6.87 -9.60 8.24
CA PRO B 13 -7.89 -9.95 9.23
C PRO B 13 -9.07 -10.75 8.69
N GLU B 14 -9.88 -11.19 9.65
CA GLU B 14 -11.03 -12.01 9.33
CA GLU B 14 -11.08 -11.96 9.41
C GLU B 14 -11.95 -11.27 8.36
N ASN B 15 -12.63 -12.07 7.55
CA ASN B 15 -13.50 -11.66 6.46
C ASN B 15 -12.75 -11.02 5.22
N SER B 16 -11.43 -10.99 5.24
CA SER B 16 -10.66 -10.69 4.02
C SER B 16 -10.88 -11.74 2.95
N ARG B 17 -10.74 -11.31 1.67
CA ARG B 17 -10.90 -12.21 0.57
C ARG B 17 -9.65 -12.33 -0.30
N PHE B 18 -9.50 -13.48 -0.94
CA PHE B 18 -8.40 -13.78 -1.83
C PHE B 18 -8.92 -14.28 -3.17
N PHE B 19 -8.32 -13.79 -4.25
CA PHE B 19 -8.64 -14.25 -5.59
C PHE B 19 -7.37 -14.53 -6.35
N VAL B 20 -7.41 -15.49 -7.26
CA VAL B 20 -6.36 -15.68 -8.26
C VAL B 20 -6.58 -14.71 -9.41
N ILE B 21 -5.48 -14.11 -9.87
CA ILE B 21 -5.42 -13.30 -11.09
C ILE B 21 -4.55 -14.05 -12.11
N LYS B 22 -5.07 -14.21 -13.32
CA LYS B 22 -4.29 -14.84 -14.41
C LYS B 22 -3.96 -13.83 -15.47
N SER B 23 -2.68 -13.64 -15.71
CA SER B 23 -2.19 -12.73 -16.73
C SER B 23 -1.70 -13.48 -17.98
N SER B 24 -1.95 -12.91 -19.16
CA SER B 24 -1.41 -13.41 -20.43
C SER B 24 0.07 -13.16 -20.56
N SER B 25 0.63 -12.21 -19.79
CA SER B 25 2.05 -11.89 -19.92
C SER B 25 2.77 -11.47 -18.68
N LEU B 26 4.06 -11.75 -18.62
CA LEU B 26 4.88 -11.16 -17.62
C LEU B 26 4.94 -9.63 -17.78
N LYS B 27 4.87 -9.12 -19.02
CA LYS B 27 4.89 -7.68 -19.28
C LYS B 27 3.82 -6.96 -18.52
N HIS B 28 2.59 -7.46 -18.60
CA HIS B 28 1.50 -6.86 -17.87
C HIS B 28 1.68 -6.88 -16.34
N VAL B 29 2.25 -7.95 -15.81
CA VAL B 29 2.56 -8.04 -14.40
C VAL B 29 3.57 -6.94 -14.00
N LYS B 30 4.65 -6.80 -14.76
CA LYS B 30 5.65 -5.77 -14.47
C LYS B 30 5.06 -4.37 -14.49
N ARG B 31 4.26 -4.09 -15.53
CA ARG B 31 3.55 -2.83 -15.64
C ARG B 31 2.60 -2.59 -14.48
N SER B 32 2.05 -3.66 -13.93
CA SER B 32 1.16 -3.55 -12.80
C SER B 32 1.97 -3.13 -11.61
N PHE B 33 3.16 -3.72 -11.48
CA PHE B 33 3.97 -3.44 -10.35
C PHE B 33 4.39 -1.96 -10.35
N TYR B 34 4.82 -1.48 -11.51
CA TYR B 34 5.46 -0.19 -11.57
C TYR B 34 4.42 0.93 -11.53
N ASN B 35 3.22 0.68 -12.06
CA ASN B 35 2.10 1.61 -12.13
C ASN B 35 1.00 1.53 -11.04
N GLY B 36 0.93 0.43 -10.28
CA GLY B 36 0.03 0.35 -9.13
C GLY B 36 -1.40 0.14 -9.51
N ILE B 37 -1.65 -0.41 -10.70
CA ILE B 37 -3.05 -0.66 -11.14
C ILE B 37 -3.20 -2.06 -11.75
N TRP B 38 -4.46 -2.49 -11.92
CA TRP B 38 -4.75 -3.70 -12.62
C TRP B 38 -6.15 -3.59 -13.18
N SER B 39 -6.38 -4.24 -14.32
CA SER B 39 -7.72 -4.44 -14.91
CA SER B 39 -7.75 -4.48 -14.80
C SER B 39 -7.95 -5.92 -15.18
N SER B 40 -9.14 -6.44 -14.87
CA SER B 40 -9.49 -7.78 -15.28
C SER B 40 -10.49 -7.67 -16.46
N THR B 41 -11.12 -8.76 -16.84
CA THR B 41 -12.16 -8.71 -17.84
C THR B 41 -13.32 -7.95 -17.25
N HIS B 42 -14.35 -7.66 -18.05
CA HIS B 42 -15.56 -7.02 -17.53
C HIS B 42 -16.21 -7.80 -16.43
N PHE B 43 -16.30 -9.11 -16.59
CA PHE B 43 -16.92 -9.96 -15.58
C PHE B 43 -15.96 -10.23 -14.43
N GLY B 44 -14.67 -10.31 -14.71
CA GLY B 44 -13.68 -10.35 -13.62
C GLY B 44 -13.83 -9.13 -12.71
N ASN B 45 -13.84 -7.96 -13.32
CA ASN B 45 -13.90 -6.69 -12.62
C ASN B 45 -15.15 -6.61 -11.80
N LYS B 46 -16.26 -7.08 -12.34
CA LYS B 46 -17.51 -7.12 -11.57
C LYS B 46 -17.36 -7.92 -10.27
N ARG B 47 -16.82 -9.13 -10.36
CA ARG B 47 -16.68 -9.97 -9.17
CA ARG B 47 -16.67 -9.97 -9.17
C ARG B 47 -15.76 -9.28 -8.16
N LEU B 48 -14.62 -8.78 -8.62
CA LEU B 48 -13.68 -8.12 -7.71
C LEU B 48 -14.29 -6.84 -7.06
N SER B 49 -14.99 -6.03 -7.85
CA SER B 49 -15.70 -4.84 -7.37
C SER B 49 -16.76 -5.12 -6.26
N GLU B 50 -17.61 -6.10 -6.47
CA GLU B 50 -18.57 -6.54 -5.44
C GLU B 50 -17.93 -6.96 -4.12
N ALA B 51 -16.90 -7.79 -4.21
CA ALA B 51 -16.12 -8.20 -3.06
C ALA B 51 -15.57 -7.01 -2.29
N TYR B 52 -14.85 -6.15 -2.99
CA TYR B 52 -14.29 -4.96 -2.44
C TYR B 52 -15.32 -4.10 -1.72
N LYS B 53 -16.44 -3.84 -2.40
CA LYS B 53 -17.52 -3.02 -1.87
C LYS B 53 -17.98 -3.40 -0.49
N LYS B 54 -18.30 -4.69 -0.35
CA LYS B 54 -18.82 -5.27 0.89
C LYS B 54 -17.80 -5.44 2.05
N LEU B 55 -16.53 -5.13 1.82
CA LEU B 55 -15.52 -5.15 2.87
C LEU B 55 -15.93 -4.21 3.97
N ASN B 56 -15.75 -4.66 5.21
CA ASN B 56 -15.97 -3.87 6.42
C ASN B 56 -14.79 -3.91 7.34
N SER B 57 -14.75 -2.90 8.21
CA SER B 57 -13.72 -2.75 9.18
C SER B 57 -12.39 -2.77 8.43
N GLY B 58 -11.41 -3.52 8.90
CA GLY B 58 -10.12 -3.60 8.26
C GLY B 58 -9.95 -4.79 7.32
N ALA B 59 -11.04 -5.47 6.96
CA ALA B 59 -10.94 -6.58 6.01
C ALA B 59 -10.33 -6.06 4.71
N LYS B 60 -9.57 -6.95 4.07
CA LYS B 60 -8.80 -6.68 2.86
C LYS B 60 -9.10 -7.67 1.69
N VAL B 61 -8.82 -7.24 0.45
CA VAL B 61 -8.83 -8.13 -0.73
C VAL B 61 -7.40 -8.29 -1.27
N PHE B 62 -6.92 -9.54 -1.32
CA PHE B 62 -5.65 -9.85 -1.91
C PHE B 62 -5.78 -10.74 -3.15
N LEU B 63 -4.77 -10.58 -4.01
CA LEU B 63 -4.71 -11.15 -5.38
C LEU B 63 -3.45 -11.94 -5.55
N PHE B 64 -3.62 -13.22 -5.81
CA PHE B 64 -2.47 -14.07 -6.12
C PHE B 64 -2.23 -13.97 -7.66
N PHE B 65 -1.14 -13.31 -8.07
CA PHE B 65 -0.81 -13.15 -9.51
C PHE B 65 -0.09 -14.35 -10.11
N SER B 66 -0.63 -14.85 -11.21
CA SER B 66 -0.03 -15.99 -11.94
CA SER B 66 -0.03 -15.98 -11.95
C SER B 66 -0.09 -15.74 -13.45
N ILE B 67 0.92 -16.18 -14.17
CA ILE B 67 1.02 -16.00 -15.66
C ILE B 67 0.53 -17.28 -16.32
N ASN B 68 -0.47 -17.19 -17.18
CA ASN B 68 -0.96 -18.41 -17.83
CA ASN B 68 -0.99 -18.36 -17.91
C ASN B 68 0.17 -19.14 -18.61
N THR B 69 0.02 -20.47 -18.70
CA THR B 69 0.94 -21.38 -19.37
C THR B 69 2.27 -21.64 -18.69
N SER B 70 2.97 -20.60 -18.25
CA SER B 70 4.14 -20.86 -17.44
C SER B 70 3.69 -21.40 -16.08
N GLY B 71 2.46 -21.07 -15.68
CA GLY B 71 2.01 -21.26 -14.29
C GLY B 71 3.01 -20.68 -13.29
N ARG B 72 3.67 -19.59 -13.64
CA ARG B 72 4.50 -18.93 -12.71
C ARG B 72 3.70 -18.07 -11.68
N PHE B 73 3.59 -18.51 -10.44
CA PHE B 73 2.98 -17.64 -9.40
C PHE B 73 4.06 -16.67 -8.93
N CYS B 74 3.85 -15.36 -9.13
CA CYS B 74 4.95 -14.40 -9.00
C CYS B 74 4.77 -13.25 -7.99
N GLY B 75 3.69 -13.31 -7.19
CA GLY B 75 3.57 -12.44 -6.03
C GLY B 75 2.13 -12.08 -5.69
N VAL B 76 2.01 -11.16 -4.75
CA VAL B 76 0.79 -10.85 -4.08
C VAL B 76 0.56 -9.34 -4.04
N ALA B 77 -0.64 -8.92 -4.43
CA ALA B 77 -1.00 -7.51 -4.45
C ALA B 77 -2.32 -7.36 -3.72
N GLU B 78 -2.45 -6.27 -3.00
CA GLU B 78 -3.72 -5.91 -2.34
C GLU B 78 -4.50 -5.03 -3.24
N MET B 79 -5.83 -5.28 -3.38
CA MET B 79 -6.73 -4.35 -4.04
C MET B 79 -7.03 -3.17 -3.08
N VAL B 80 -6.71 -1.95 -3.49
CA VAL B 80 -6.87 -0.76 -2.59
C VAL B 80 -7.85 0.32 -3.08
N SER B 81 -8.60 0.02 -4.14
CA SER B 81 -9.68 0.89 -4.61
C SER B 81 -10.70 0.06 -5.36
N ASP B 82 -11.87 0.66 -5.58
CA ASP B 82 -12.85 0.12 -6.49
C ASP B 82 -12.48 0.55 -7.93
N LEU B 83 -13.38 0.21 -8.86
CA LEU B 83 -13.20 0.46 -10.28
C LEU B 83 -13.24 1.96 -10.53
N LYS B 84 -12.22 2.45 -11.24
CA LYS B 84 -12.09 3.87 -11.52
C LYS B 84 -12.17 4.15 -13.02
N MET B 85 -12.88 5.22 -13.38
CA MET B 85 -13.01 5.62 -14.79
C MET B 85 -11.73 6.27 -15.34
N ASP B 86 -10.93 6.85 -14.43
CA ASP B 86 -9.86 7.78 -14.77
C ASP B 86 -8.43 7.28 -14.55
N LEU B 87 -8.24 5.98 -14.36
CA LEU B 87 -6.88 5.46 -14.35
C LEU B 87 -6.47 5.16 -15.78
N ASP B 88 -5.19 5.20 -16.06
CA ASP B 88 -4.69 5.07 -17.44
C ASP B 88 -4.51 3.60 -17.87
N THR B 89 -5.53 3.05 -18.55
CA THR B 89 -5.54 1.67 -19.05
C THR B 89 -4.75 1.49 -20.36
N SER B 90 -4.13 2.59 -20.82
CA SER B 90 -3.42 2.59 -22.06
C SER B 90 -2.08 1.87 -21.89
N ILE B 91 -1.69 1.56 -20.65
CA ILE B 91 -0.46 0.78 -20.41
C ILE B 91 -0.62 -0.71 -20.83
N TRP B 92 -1.85 -1.13 -21.07
CA TRP B 92 -2.15 -2.53 -21.45
C TRP B 92 -2.02 -2.68 -22.97
N GLU B 93 -1.58 -3.85 -23.44
CA GLU B 93 -1.71 -4.25 -24.85
C GLU B 93 -3.09 -4.78 -25.04
N ASP B 94 -3.70 -4.56 -26.19
CA ASP B 94 -5.11 -4.90 -26.44
C ASP B 94 -5.99 -4.46 -25.28
N GLU B 95 -5.87 -3.19 -24.92
CA GLU B 95 -6.60 -2.60 -23.80
C GLU B 95 -8.14 -2.82 -23.80
N GLN B 96 -8.76 -2.90 -24.98
CA GLN B 96 -10.21 -3.10 -25.05
C GLN B 96 -10.66 -4.51 -24.66
N LYS B 97 -9.70 -5.44 -24.50
CA LYS B 97 -9.97 -6.77 -23.94
C LYS B 97 -10.26 -6.74 -22.42
N TYR B 98 -9.92 -5.62 -21.77
CA TYR B 98 -10.03 -5.44 -20.29
C TYR B 98 -10.92 -4.25 -19.96
N GLY B 99 -11.58 -4.32 -18.81
CA GLY B 99 -12.42 -3.21 -18.34
C GLY B 99 -11.61 -2.11 -17.67
N LYS B 100 -12.29 -1.38 -16.77
CA LYS B 100 -11.71 -0.23 -16.08
C LYS B 100 -10.62 -0.71 -15.13
N ALA B 101 -9.66 0.15 -14.81
CA ALA B 101 -8.66 -0.24 -13.84
C ALA B 101 -9.07 0.02 -12.35
N PHE B 102 -8.39 -0.68 -11.43
CA PHE B 102 -8.47 -0.37 -10.03
C PHE B 102 -7.04 -0.32 -9.47
N LYS B 103 -6.91 0.23 -8.27
CA LYS B 103 -5.60 0.47 -7.66
C LYS B 103 -5.11 -0.76 -6.96
N VAL B 104 -3.81 -1.08 -7.11
CA VAL B 104 -3.25 -2.17 -6.38
C VAL B 104 -1.90 -1.78 -5.83
N ARG B 105 -1.49 -2.47 -4.77
CA ARG B 105 -0.19 -2.27 -4.13
C ARG B 105 0.45 -3.65 -3.97
N TRP B 106 1.60 -3.88 -4.58
CA TRP B 106 2.27 -5.17 -4.57
C TRP B 106 2.98 -5.36 -3.23
N VAL B 107 2.45 -6.22 -2.38
CA VAL B 107 3.07 -6.44 -1.06
C VAL B 107 4.17 -7.50 -1.04
N ILE B 108 4.05 -8.52 -1.90
CA ILE B 108 5.06 -9.59 -2.03
C ILE B 108 5.47 -9.76 -3.51
N VAL B 109 6.77 -9.73 -3.80
CA VAL B 109 7.26 -9.99 -5.14
C VAL B 109 8.31 -11.05 -5.00
N ARG B 110 7.91 -12.26 -5.36
CA ARG B 110 8.79 -13.39 -5.42
C ARG B 110 8.06 -14.53 -6.12
N ASP B 111 8.82 -15.41 -6.71
CA ASP B 111 8.30 -16.64 -7.29
C ASP B 111 8.21 -17.75 -6.24
N ILE B 112 7.10 -18.46 -6.26
CA ILE B 112 6.95 -19.73 -5.57
C ILE B 112 6.83 -20.75 -6.68
N ASN B 113 7.56 -21.84 -6.59
CA ASN B 113 7.47 -22.88 -7.63
C ASN B 113 6.13 -23.66 -7.64
N ASN B 114 5.54 -23.88 -8.83
CA ASN B 114 4.29 -24.67 -8.96
C ASN B 114 4.32 -25.93 -8.13
N ARG B 115 5.49 -26.55 -8.02
CA ARG B 115 5.69 -27.73 -7.18
C ARG B 115 5.08 -27.59 -5.79
N SER B 116 5.39 -26.49 -5.12
CA SER B 116 4.95 -26.27 -3.75
C SER B 116 3.44 -25.93 -3.66
N LEU B 117 2.87 -25.47 -4.76
CA LEU B 117 1.50 -24.98 -4.77
C LEU B 117 0.48 -26.03 -5.11
N LYS B 118 0.94 -27.16 -5.70
CA LYS B 118 0.02 -28.22 -6.21
C LYS B 118 -0.89 -28.80 -5.13
N ARG B 119 -0.41 -28.83 -3.89
CA ARG B 119 -1.16 -29.40 -2.75
C ARG B 119 -2.27 -28.58 -2.15
N PHE B 120 -2.34 -27.29 -2.48
CA PHE B 120 -3.48 -26.51 -2.05
C PHE B 120 -4.64 -26.75 -3.00
N LEU B 121 -5.64 -27.51 -2.55
CA LEU B 121 -6.81 -27.86 -3.35
C LEU B 121 -8.03 -26.97 -3.03
N ILE B 122 -8.79 -26.62 -4.06
CA ILE B 122 -9.81 -25.57 -3.97
C ILE B 122 -11.24 -26.16 -4.11
N PRO B 123 -11.95 -26.34 -2.97
CA PRO B 123 -13.25 -27.03 -2.97
C PRO B 123 -14.23 -26.50 -3.98
N SER B 124 -14.29 -25.19 -4.16
CA SER B 124 -15.26 -24.58 -5.07
C SER B 124 -14.84 -24.66 -6.54
N ASN B 125 -13.66 -25.19 -6.79
CA ASN B 125 -13.19 -25.51 -8.13
C ASN B 125 -12.89 -26.98 -8.16
N GLU B 126 -13.90 -27.76 -7.75
CA GLU B 126 -13.92 -29.17 -7.99
C GLU B 126 -12.75 -29.84 -7.31
N MET B 127 -12.27 -29.20 -6.24
CA MET B 127 -11.12 -29.67 -5.48
CA MET B 127 -11.13 -29.67 -5.48
C MET B 127 -9.87 -29.76 -6.33
N LYS B 128 -9.81 -28.99 -7.41
CA LYS B 128 -8.57 -28.96 -8.22
C LYS B 128 -7.48 -28.17 -7.46
N PRO B 129 -6.20 -28.40 -7.76
CA PRO B 129 -5.10 -27.56 -7.26
C PRO B 129 -5.28 -26.08 -7.64
N ILE B 130 -4.63 -25.23 -6.86
CA ILE B 130 -4.71 -23.79 -7.08
C ILE B 130 -4.15 -23.37 -8.44
N THR B 131 -3.16 -24.13 -8.88
CA THR B 131 -2.49 -23.93 -10.15
C THR B 131 -3.46 -24.09 -11.32
N HIS B 132 -4.60 -24.75 -11.11
CA HIS B 132 -5.63 -24.86 -12.14
C HIS B 132 -6.62 -23.69 -12.18
N SER B 133 -6.45 -22.70 -11.30
CA SER B 133 -7.44 -21.66 -11.22
C SER B 133 -7.52 -20.82 -12.48
N ARG B 134 -8.75 -20.42 -12.76
CA ARG B 134 -9.05 -19.41 -13.71
C ARG B 134 -8.95 -18.02 -13.12
N ASP B 135 -8.91 -17.05 -14.01
CA ASP B 135 -8.99 -15.65 -13.63
C ASP B 135 -10.12 -15.28 -12.71
N THR B 136 -9.73 -14.71 -11.58
CA THR B 136 -10.60 -14.28 -10.47
C THR B 136 -11.29 -15.42 -9.67
N GLN B 137 -10.78 -16.65 -9.80
CA GLN B 137 -11.13 -17.76 -8.86
C GLN B 137 -10.99 -17.34 -7.41
N GLU B 138 -12.07 -17.45 -6.62
CA GLU B 138 -11.97 -17.14 -5.17
C GLU B 138 -11.34 -18.31 -4.43
N ILE B 139 -10.42 -17.96 -3.51
CA ILE B 139 -9.70 -18.88 -2.67
C ILE B 139 -10.15 -18.68 -1.19
N PRO B 140 -10.56 -19.79 -0.50
CA PRO B 140 -11.01 -19.66 0.90
C PRO B 140 -10.01 -19.02 1.83
N TYR B 141 -10.52 -18.22 2.77
CA TYR B 141 -9.65 -17.50 3.72
C TYR B 141 -8.48 -18.35 4.24
N SER B 142 -8.75 -19.55 4.79
CA SER B 142 -7.72 -20.30 5.47
C SER B 142 -6.63 -20.72 4.52
N ILE B 143 -7.02 -21.06 3.30
CA ILE B 143 -6.06 -21.49 2.25
C ILE B 143 -5.18 -20.31 1.86
N GLY B 144 -5.81 -19.16 1.59
CA GLY B 144 -5.06 -17.96 1.23
C GLY B 144 -4.04 -17.59 2.26
N ILE B 145 -4.45 -17.72 3.53
CA ILE B 145 -3.54 -17.39 4.62
C ILE B 145 -2.33 -18.29 4.59
N SER B 146 -2.55 -19.60 4.50
CA SER B 146 -1.43 -20.56 4.40
CA SER B 146 -1.45 -20.57 4.40
C SER B 146 -0.54 -20.30 3.18
N ILE B 147 -1.11 -19.86 2.07
CA ILE B 147 -0.26 -19.52 0.90
C ILE B 147 0.59 -18.25 1.17
N ILE B 148 0.02 -17.23 1.81
CA ILE B 148 0.82 -16.04 2.14
C ILE B 148 2.02 -16.44 2.99
N ASN B 149 1.81 -17.37 3.93
CA ASN B 149 2.84 -17.83 4.86
C ASN B 149 3.93 -18.55 4.11
N LEU B 150 3.56 -19.30 3.07
CA LEU B 150 4.58 -19.83 2.16
C LEU B 150 5.32 -18.70 1.45
N PHE B 151 4.58 -17.74 0.90
CA PHE B 151 5.28 -16.60 0.24
C PHE B 151 6.27 -15.86 1.19
N LYS B 152 5.94 -15.79 2.49
CA LYS B 152 6.81 -15.15 3.51
C LYS B 152 8.05 -15.94 3.92
N THR B 153 8.14 -17.21 3.55
CA THR B 153 9.27 -18.02 3.99
C THR B 153 10.59 -17.56 3.37
N GLN B 154 11.60 -17.29 4.20
CA GLN B 154 12.93 -16.85 3.72
C GLN B 154 13.83 -18.05 3.48
N ASP B 155 13.73 -18.60 2.26
CA ASP B 155 14.53 -19.76 1.80
C ASP B 155 15.81 -19.34 1.06
N SER B 156 16.63 -20.31 0.66
N ILE B 158 15.87 -17.58 -3.43
CA ILE B 158 14.82 -16.57 -3.54
C ILE B 158 14.94 -15.85 -4.89
N PHE B 159 13.98 -16.08 -5.78
CA PHE B 159 13.92 -15.38 -7.08
C PHE B 159 12.62 -14.62 -7.22
N SER B 160 12.66 -13.55 -8.01
CA SER B 160 11.50 -12.74 -8.29
C SER B 160 11.62 -12.13 -9.65
N PHE B 161 10.54 -11.57 -10.14
CA PHE B 161 10.63 -10.94 -11.47
C PHE B 161 11.45 -9.63 -11.47
N LEU B 162 11.89 -9.19 -10.29
CA LEU B 162 12.74 -8.00 -10.15
C LEU B 162 14.24 -8.29 -10.22
N ASP B 163 14.63 -9.56 -10.28
CA ASP B 163 16.05 -9.88 -10.48
C ASP B 163 16.42 -9.67 -11.96
C2 6MZ C 3 -0.86 11.48 18.82
C4 6MZ C 3 -1.53 13.41 17.62
C5 6MZ C 3 -2.43 12.60 16.79
N9 6MZ C 3 -1.65 14.67 17.15
N3 6MZ C 3 -0.78 12.80 18.60
N1 6MZ C 3 -1.67 10.68 18.10
C6 6MZ C 3 -2.47 11.13 17.10
N6 6MZ C 3 -3.30 10.33 16.42
C9 6MZ C 3 -3.56 8.95 16.79
N7 6MZ C 3 -3.05 13.43 15.91
C8 6MZ C 3 -2.57 14.68 16.16
O5' 6MZ C 3 -3.66 19.64 18.64
C5' 6MZ C 3 -3.49 18.20 18.58
C4' 6MZ C 3 -2.00 17.82 18.57
O4' 6MZ C 3 -1.85 16.40 18.76
C1' 6MZ C 3 -0.91 15.84 17.80
C2' 6MZ C 3 -0.43 17.04 16.98
O2' 6MZ C 3 0.83 17.56 17.47
C3' 6MZ C 3 -1.29 18.21 17.26
O3' 6MZ C 3 -0.36 19.33 17.37
C2 6MZ D 3 -3.49 -9.80 -19.48
C4 6MZ D 3 -5.42 -10.84 -18.62
C5 6MZ D 3 -5.79 -9.60 -17.93
N9 6MZ D 3 -6.38 -11.74 -18.34
N3 6MZ D 3 -4.27 -10.87 -19.38
N1 6MZ D 3 -3.74 -8.62 -18.87
C6 6MZ D 3 -4.87 -8.44 -18.12
N6 6MZ D 3 -5.10 -7.25 -17.56
C9 6MZ D 3 -4.26 -6.10 -17.87
N7 6MZ D 3 -6.95 -9.83 -17.30
C8 6MZ D 3 -7.29 -11.13 -17.56
O5' 6MZ D 3 -10.76 -14.06 -19.39
C5' 6MZ D 3 -9.69 -13.27 -19.95
C4' 6MZ D 3 -8.38 -14.05 -19.90
O4' 6MZ D 3 -7.26 -13.15 -20.10
C1' 6MZ D 3 -6.40 -13.14 -18.93
C2' 6MZ D 3 -6.91 -14.26 -18.03
O2' 6MZ D 3 -6.12 -15.44 -18.17
C3' 6MZ D 3 -8.22 -14.78 -18.55
O3' 6MZ D 3 -8.02 -16.22 -18.60
UNK UNX E . 10.40 10.54 20.32
UNK UNX F . -0.08 -2.29 0.61
UNK UNX G . 12.29 21.81 -4.98
UNK UNX H . 2.46 -2.36 7.85
UNK UNX I . 1.66 0.09 7.10
UNK UNX J . -8.00 3.53 23.97
UNK UNX K . 10.89 5.42 -8.41
UNK UNX L . 4.09 26.71 0.85
UNK UNX M . 0.07 9.26 22.27
UNK UNX N . 3.36 -10.48 9.97
UNK UNX O . -12.87 -15.07 7.05
UNK UNX P . 4.37 1.20 -18.18
UNK UNX Q . -10.93 -32.85 -10.11
UNK UNX R . -6.00 -18.82 9.29
UNK UNX S . -0.69 -5.42 7.49
UNK UNX T . -1.19 -30.00 -12.41
UNK UNX U . 2.78 -1.54 -6.71
UNK UNX V . -13.10 -23.37 -2.07
UNK UNX W . 6.28 -10.66 -21.53
#